data_7M8U
#
_entry.id   7M8U
#
_cell.length_a   51.238
_cell.length_b   82.380
_cell.length_c   111.011
_cell.angle_alpha   90.000
_cell.angle_beta   90.000
_cell.angle_gamma   90.000
#
_symmetry.space_group_name_H-M   'P 21 21 21'
#
loop_
_entity.id
_entity.type
_entity.pdbx_description
1 polymer 'HLA class I histocompatibility antigen B, alpha chain'
2 polymer Beta-2-microglobulin
3 polymer 'Spike protein S2 peptide'
4 non-polymer 'PHOSPHATE ION'
5 non-polymer 'SODIUM ION'
6 water water
#
loop_
_entity_poly.entity_id
_entity_poly.type
_entity_poly.pdbx_seq_one_letter_code
_entity_poly.pdbx_strand_id
1 'polypeptide(L)'
;GSHSMRYFYTAMSRPGRGEPRFIAVGYVDDTQFVRFDSDAASPRTEPRAPWIEQEGPEYWDRNTQIFKTNTQTYRESLRN
LRGYYNQSEAGSHIIQRMYGCDLGPDGRLLRGHDQSAYDGKDYIALNEDLSSWTAADTAAQITQRKWEAARVAEQLRAYL
EGLCVEWLRRYLENGKETLQRADPPKTHVTHHPVSDHEATLRCWALGFYPAEITLTWQRDGEDQTQDTELVETRPAGDRT
FQKWAAVVVPSGEEQRYTCHVQHEGLPKPLTLRWEPS
;
A
2 'polypeptide(L)'
;MIQRTPKIQVYSRHPAENGKSNFLNCYVSGFHPSDIEVDLLKNGERIEKVEHSDLSFSKDWSFYLLYYTEFTPTEKDEYA
CRVNHVTLSQPKIVKWDRDM
;
B
3 'polypeptide(L)' IPFAMQMAY C
#
# COMPACT_ATOMS: atom_id res chain seq x y z
N GLY A 1 18.89 8.21 5.63
CA GLY A 1 18.76 7.05 4.78
C GLY A 1 18.23 7.37 3.40
N SER A 2 17.76 6.35 2.67
CA SER A 2 17.19 6.46 1.32
C SER A 2 15.72 6.80 1.40
N HIS A 3 15.27 7.64 0.45
CA HIS A 3 13.88 8.08 0.47
C HIS A 3 13.30 8.21 -0.93
N SER A 4 11.96 8.15 -1.02
CA SER A 4 11.32 8.27 -2.31
C SER A 4 10.03 9.04 -2.18
N MET A 5 9.53 9.53 -3.32
CA MET A 5 8.23 10.14 -3.39
C MET A 5 7.48 9.45 -4.54
N ARG A 6 6.18 9.17 -4.34
CA ARG A 6 5.37 8.57 -5.36
C ARG A 6 4.00 9.15 -5.34
N TYR A 7 3.43 9.32 -6.53
CA TYR A 7 2.02 9.59 -6.68
C TYR A 7 1.42 8.35 -7.34
N PHE A 8 0.22 8.00 -6.86
CA PHE A 8 -0.50 6.84 -7.32
C PHE A 8 -1.86 7.31 -7.79
N TYR A 9 -2.18 7.06 -9.05
CA TYR A 9 -3.48 7.44 -9.60
C TYR A 9 -4.28 6.20 -9.95
N THR A 10 -5.58 6.22 -9.66
CA THR A 10 -6.47 5.14 -10.08
C THR A 10 -7.69 5.80 -10.74
N ALA A 11 -8.03 5.45 -11.99
CA ALA A 11 -9.20 5.94 -12.70
C ALA A 11 -10.02 4.70 -13.06
N MET A 12 -11.29 4.70 -12.67
CA MET A 12 -12.14 3.51 -12.82
C MET A 12 -13.46 3.89 -13.47
N SER A 13 -13.77 3.26 -14.59
CA SER A 13 -15.06 3.51 -15.21
C SER A 13 -16.12 2.66 -14.53
N ARG A 14 -17.39 3.08 -14.65
CA ARG A 14 -18.51 2.37 -14.00
C ARG A 14 -19.76 2.66 -14.85
N PRO A 15 -19.83 2.04 -16.03
CA PRO A 15 -20.96 2.32 -16.94
C PRO A 15 -22.31 2.15 -16.24
N GLY A 16 -23.14 3.15 -16.42
CA GLY A 16 -24.47 3.15 -15.83
C GLY A 16 -24.52 3.74 -14.43
N ARG A 17 -23.34 4.08 -13.87
CA ARG A 17 -23.23 4.61 -12.51
C ARG A 17 -22.44 5.92 -12.46
N GLY A 18 -22.61 6.72 -13.50
CA GLY A 18 -21.97 8.03 -13.60
C GLY A 18 -20.62 7.97 -14.30
N GLU A 19 -19.90 9.07 -14.20
CA GLU A 19 -18.60 9.16 -14.85
C GLU A 19 -17.50 8.45 -14.06
N PRO A 20 -16.35 8.15 -14.70
CA PRO A 20 -15.31 7.44 -13.97
C PRO A 20 -14.76 8.20 -12.77
N ARG A 21 -14.49 7.48 -11.70
CA ARG A 21 -13.87 8.08 -10.52
C ARG A 21 -12.35 8.19 -10.76
N PHE A 22 -11.78 9.35 -10.36
CA PHE A 22 -10.34 9.52 -10.39
C PHE A 22 -9.92 9.80 -8.96
N ILE A 23 -8.96 9.03 -8.44
CA ILE A 23 -8.38 9.22 -7.13
C ILE A 23 -6.87 9.31 -7.28
N ALA A 24 -6.27 10.28 -6.61
CA ALA A 24 -4.81 10.40 -6.56
C ALA A 24 -4.40 10.42 -5.09
N VAL A 25 -3.30 9.75 -4.77
CA VAL A 25 -2.70 9.80 -3.45
C VAL A 25 -1.19 10.04 -3.62
N GLY A 26 -0.58 10.76 -2.68
CA GLY A 26 0.85 11.05 -2.70
C GLY A 26 1.48 10.51 -1.44
N TYR A 27 2.67 9.91 -1.61
CA TYR A 27 3.43 9.31 -0.53
C TYR A 27 4.85 9.79 -0.52
N VAL A 28 5.41 9.89 0.71
CA VAL A 28 6.86 9.98 0.90
C VAL A 28 7.16 8.69 1.66
N ASP A 29 7.97 7.81 1.06
CA ASP A 29 8.21 6.48 1.67
C ASP A 29 6.88 5.80 2.04
N ASP A 30 6.68 5.32 3.31
CA ASP A 30 5.43 4.68 3.69
C ASP A 30 4.42 5.60 4.33
N THR A 31 4.56 6.92 4.10
CA THR A 31 3.67 7.91 4.67
C THR A 31 2.88 8.61 3.59
N GLN A 32 1.57 8.48 3.67
CA GLN A 32 0.70 9.17 2.72
C GLN A 32 0.59 10.64 3.16
N PHE A 33 0.59 11.61 2.23
CA PHE A 33 0.51 13.02 2.66
C PHE A 33 -0.59 13.83 1.98
N VAL A 34 -1.12 13.36 0.82
CA VAL A 34 -2.19 14.10 0.12
C VAL A 34 -3.13 13.11 -0.52
N ARG A 35 -4.38 13.55 -0.70
CA ARG A 35 -5.37 12.81 -1.49
C ARG A 35 -6.24 13.78 -2.29
N PHE A 36 -6.73 13.31 -3.43
CA PHE A 36 -7.73 14.01 -4.23
C PHE A 36 -8.69 12.92 -4.68
N ASP A 37 -10.00 13.16 -4.55
CA ASP A 37 -11.00 12.17 -4.95
C ASP A 37 -12.11 12.89 -5.75
N SER A 38 -12.29 12.56 -7.03
CA SER A 38 -13.35 13.22 -7.82
C SER A 38 -14.76 12.90 -7.28
N ASP A 39 -14.92 11.86 -6.45
CA ASP A 39 -16.24 11.52 -5.88
C ASP A 39 -16.56 12.29 -4.59
N ALA A 40 -15.59 13.05 -4.03
CA ALA A 40 -15.86 13.78 -2.78
C ALA A 40 -16.97 14.86 -3.00
N ALA A 41 -17.75 15.17 -1.93
CA ALA A 41 -18.83 16.17 -1.99
C ALA A 41 -18.32 17.46 -2.66
N SER A 42 -17.10 17.90 -2.28
CA SER A 42 -16.45 19.05 -2.89
C SER A 42 -15.00 18.65 -3.21
N PRO A 43 -14.73 18.12 -4.43
CA PRO A 43 -13.37 17.63 -4.75
C PRO A 43 -12.27 18.68 -4.65
N ARG A 44 -11.31 18.39 -3.76
CA ARG A 44 -10.21 19.29 -3.52
C ARG A 44 -9.05 18.46 -3.02
N THR A 45 -7.81 18.94 -3.26
CA THR A 45 -6.65 18.27 -2.68
C THR A 45 -6.69 18.49 -1.16
N GLU A 46 -6.56 17.41 -0.42
CA GLU A 46 -6.62 17.44 1.02
C GLU A 46 -5.33 16.92 1.66
N PRO A 47 -4.91 17.53 2.78
CA PRO A 47 -3.74 17.03 3.50
C PRO A 47 -4.01 15.72 4.23
N ARG A 48 -2.99 14.84 4.28
CA ARG A 48 -3.14 13.56 4.97
C ARG A 48 -1.98 13.28 5.93
N ALA A 49 -1.06 14.23 6.08
CA ALA A 49 0.05 14.14 7.04
C ALA A 49 0.17 15.53 7.70
N PRO A 50 0.45 15.62 9.01
CA PRO A 50 0.51 16.94 9.64
C PRO A 50 1.54 17.92 9.06
N TRP A 51 2.72 17.41 8.60
CA TRP A 51 3.79 18.28 8.06
C TRP A 51 3.49 18.93 6.71
N ILE A 52 2.40 18.53 6.00
CA ILE A 52 2.07 19.19 4.73
C ILE A 52 1.10 20.35 4.97
N GLU A 53 0.43 20.37 6.14
CA GLU A 53 -0.57 21.40 6.44
C GLU A 53 -0.02 22.82 6.36
N GLN A 54 1.29 23.02 6.63
CA GLN A 54 1.95 24.33 6.54
C GLN A 54 2.04 24.91 5.13
N GLU A 55 1.81 24.08 4.07
CA GLU A 55 1.86 24.60 2.70
C GLU A 55 0.76 25.65 2.45
N GLY A 56 1.12 26.70 1.73
CA GLY A 56 0.27 27.84 1.41
C GLY A 56 -0.92 27.58 0.51
N PRO A 57 -1.90 28.53 0.41
CA PRO A 57 -3.08 28.30 -0.44
C PRO A 57 -2.74 28.09 -1.91
N GLU A 58 -1.61 28.68 -2.39
CA GLU A 58 -1.15 28.54 -3.77
C GLU A 58 -0.80 27.09 -4.07
N TYR A 59 -0.23 26.38 -3.08
CA TYR A 59 0.15 24.97 -3.23
C TYR A 59 -1.13 24.14 -3.41
N TRP A 60 -2.13 24.30 -2.51
CA TRP A 60 -3.39 23.56 -2.57
C TRP A 60 -4.17 23.84 -3.86
N ASP A 61 -4.22 25.11 -4.30
CA ASP A 61 -4.87 25.49 -5.56
C ASP A 61 -4.14 24.86 -6.77
N ARG A 62 -2.81 24.86 -6.75
CA ARG A 62 -2.03 24.30 -7.84
C ARG A 62 -2.33 22.78 -7.93
N ASN A 63 -2.28 22.08 -6.80
CA ASN A 63 -2.57 20.63 -6.75
C ASN A 63 -3.98 20.35 -7.27
N THR A 64 -4.97 21.10 -6.74
CA THR A 64 -6.36 20.91 -7.12
C THR A 64 -6.58 21.16 -8.62
N GLN A 65 -5.96 22.20 -9.20
CA GLN A 65 -6.11 22.46 -10.64
C GLN A 65 -5.59 21.27 -11.45
N ILE A 66 -4.39 20.75 -11.06
CA ILE A 66 -3.78 19.62 -11.73
C ILE A 66 -4.70 18.39 -11.63
N PHE A 67 -5.18 18.07 -10.40
CA PHE A 67 -6.00 16.89 -10.22
C PHE A 67 -7.39 16.98 -10.85
N LYS A 68 -7.97 18.21 -10.90
CA LYS A 68 -9.26 18.39 -11.56
C LYS A 68 -9.12 18.20 -13.05
N THR A 69 -8.02 18.72 -13.63
CA THR A 69 -7.77 18.52 -15.04
C THR A 69 -7.47 17.03 -15.33
N ASN A 70 -6.72 16.35 -14.43
CA ASN A 70 -6.46 14.92 -14.62
C ASN A 70 -7.74 14.11 -14.58
N THR A 71 -8.77 14.51 -13.76
CA THR A 71 -10.02 13.76 -13.76
C THR A 71 -10.58 13.72 -15.18
N GLN A 72 -10.57 14.85 -15.86
CA GLN A 72 -11.03 14.90 -17.24
C GLN A 72 -10.13 14.11 -18.21
N THR A 73 -8.80 14.30 -18.09
CA THR A 73 -7.85 13.61 -18.96
C THR A 73 -7.99 12.07 -18.85
N TYR A 74 -8.15 11.60 -17.62
CA TYR A 74 -8.29 10.17 -17.42
C TYR A 74 -9.61 9.61 -17.91
N ARG A 75 -10.69 10.40 -17.84
CA ARG A 75 -11.96 9.94 -18.41
C ARG A 75 -11.81 9.81 -19.94
N GLU A 76 -11.12 10.78 -20.59
CA GLU A 76 -10.86 10.63 -22.02
C GLU A 76 -9.99 9.38 -22.32
N SER A 77 -8.96 9.17 -21.48
CA SER A 77 -8.08 8.05 -21.64
C SER A 77 -8.78 6.73 -21.49
N LEU A 78 -9.74 6.62 -20.52
CA LEU A 78 -10.49 5.37 -20.42
C LEU A 78 -11.30 5.13 -21.72
N ARG A 79 -11.90 6.19 -22.30
CA ARG A 79 -12.65 6.05 -23.59
C ARG A 79 -11.67 5.62 -24.69
N ASN A 80 -10.49 6.23 -24.74
CA ASN A 80 -9.50 5.86 -25.76
C ASN A 80 -9.06 4.42 -25.66
N LEU A 81 -8.72 3.95 -24.43
CA LEU A 81 -8.25 2.57 -24.26
C LEU A 81 -9.33 1.56 -24.57
N ARG A 82 -10.60 1.89 -24.25
CA ARG A 82 -11.68 0.98 -24.57
C ARG A 82 -11.68 0.75 -26.11
N GLY A 83 -11.52 1.85 -26.87
CA GLY A 83 -11.43 1.79 -28.33
C GLY A 83 -10.21 1.00 -28.80
N TYR A 84 -9.03 1.23 -28.16
CA TYR A 84 -7.82 0.50 -28.60
C TYR A 84 -7.89 -1.02 -28.47
N TYR A 85 -8.71 -1.53 -27.53
CA TYR A 85 -8.83 -2.94 -27.32
C TYR A 85 -10.16 -3.48 -27.85
N ASN A 86 -10.89 -2.66 -28.63
CA ASN A 86 -12.19 -3.04 -29.23
C ASN A 86 -13.18 -3.57 -28.15
N GLN A 87 -13.15 -2.94 -26.98
CA GLN A 87 -14.02 -3.39 -25.88
C GLN A 87 -15.40 -2.77 -25.95
N SER A 88 -16.37 -3.46 -25.38
CA SER A 88 -17.72 -2.92 -25.31
C SER A 88 -17.81 -1.77 -24.28
N GLU A 89 -18.84 -0.93 -24.42
CA GLU A 89 -19.11 0.18 -23.48
C GLU A 89 -19.68 -0.36 -22.13
N ALA A 90 -19.98 -1.66 -22.03
CA ALA A 90 -20.64 -2.28 -20.87
C ALA A 90 -19.76 -2.58 -19.65
N GLY A 91 -18.49 -2.91 -19.85
CA GLY A 91 -17.66 -3.27 -18.71
C GLY A 91 -16.94 -2.13 -18.02
N SER A 92 -16.52 -2.37 -16.77
N SER A 92 -16.55 -2.36 -16.76
CA SER A 92 -15.75 -1.42 -15.95
CA SER A 92 -15.75 -1.40 -15.98
C SER A 92 -14.27 -1.71 -16.15
C SER A 92 -14.28 -1.71 -16.29
N HIS A 93 -13.48 -0.66 -16.38
CA HIS A 93 -12.05 -0.78 -16.63
C HIS A 93 -11.31 0.19 -15.77
N ILE A 94 -10.02 -0.11 -15.54
CA ILE A 94 -9.21 0.73 -14.66
C ILE A 94 -7.86 1.07 -15.29
N ILE A 95 -7.47 2.37 -15.23
CA ILE A 95 -6.09 2.80 -15.55
C ILE A 95 -5.44 3.14 -14.21
N GLN A 96 -4.23 2.61 -13.97
CA GLN A 96 -3.43 2.98 -12.80
C GLN A 96 -2.16 3.62 -13.31
N ARG A 97 -1.66 4.62 -12.59
CA ARG A 97 -0.38 5.21 -12.92
C ARG A 97 0.40 5.43 -11.63
N MET A 98 1.72 5.20 -11.69
CA MET A 98 2.54 5.52 -10.52
C MET A 98 3.80 6.19 -11.03
N TYR A 99 4.21 7.28 -10.41
CA TYR A 99 5.43 7.94 -10.82
C TYR A 99 6.09 8.59 -9.61
N GLY A 100 7.36 8.93 -9.79
CA GLY A 100 8.08 9.64 -8.74
C GLY A 100 9.56 9.46 -8.83
N CYS A 101 10.23 9.82 -7.74
CA CYS A 101 11.69 9.84 -7.72
C CYS A 101 12.23 9.13 -6.50
N ASP A 102 13.45 8.55 -6.64
CA ASP A 102 14.16 7.92 -5.54
C ASP A 102 15.43 8.70 -5.29
N LEU A 103 15.72 8.97 -4.01
CA LEU A 103 16.98 9.61 -3.59
C LEU A 103 17.78 8.59 -2.75
N GLY A 104 19.11 8.67 -2.82
CA GLY A 104 19.98 7.85 -1.98
C GLY A 104 20.29 8.57 -0.67
N PRO A 105 21.14 7.96 0.21
CA PRO A 105 21.44 8.60 1.52
C PRO A 105 22.00 10.03 1.49
N ASP A 106 22.59 10.46 0.36
CA ASP A 106 23.13 11.82 0.19
C ASP A 106 22.09 12.83 -0.32
N GLY A 107 20.86 12.35 -0.53
CA GLY A 107 19.78 13.16 -1.07
C GLY A 107 19.84 13.34 -2.57
N ARG A 108 20.79 12.66 -3.26
CA ARG A 108 20.94 12.75 -4.71
C ARG A 108 19.97 11.80 -5.38
N LEU A 109 19.51 12.18 -6.57
CA LEU A 109 18.63 11.34 -7.41
C LEU A 109 19.30 10.07 -7.82
N LEU A 110 18.66 8.98 -7.49
CA LEU A 110 19.07 7.64 -7.82
C LEU A 110 18.43 7.32 -9.18
N ARG A 111 17.09 7.50 -9.30
CA ARG A 111 16.35 7.19 -10.53
C ARG A 111 14.95 7.74 -10.45
N GLY A 112 14.34 7.92 -11.61
CA GLY A 112 12.95 8.36 -11.73
C GLY A 112 12.12 7.21 -12.24
N HIS A 113 10.79 7.30 -12.04
CA HIS A 113 9.87 6.26 -12.48
C HIS A 113 8.58 6.86 -13.00
N ASP A 114 8.01 6.20 -13.99
N ASP A 114 7.96 6.20 -14.00
CA ASP A 114 6.68 6.48 -14.50
CA ASP A 114 6.62 6.55 -14.49
C ASP A 114 6.21 5.19 -15.14
C ASP A 114 6.05 5.37 -15.26
N GLN A 115 5.10 4.65 -14.62
CA GLN A 115 4.57 3.38 -15.12
C GLN A 115 3.04 3.41 -15.11
N SER A 116 2.42 2.81 -16.15
CA SER A 116 0.96 2.77 -16.17
C SER A 116 0.53 1.33 -16.45
N ALA A 117 -0.68 0.98 -15.98
CA ALA A 117 -1.30 -0.32 -16.17
C ALA A 117 -2.74 -0.14 -16.61
N TYR A 118 -3.26 -1.10 -17.37
CA TYR A 118 -4.66 -1.11 -17.78
C TYR A 118 -5.26 -2.44 -17.34
N ASP A 119 -6.33 -2.38 -16.52
CA ASP A 119 -6.93 -3.59 -15.92
C ASP A 119 -5.88 -4.49 -15.22
N GLY A 120 -4.93 -3.85 -14.56
CA GLY A 120 -3.92 -4.51 -13.73
C GLY A 120 -2.76 -5.10 -14.49
N LYS A 121 -2.69 -4.84 -15.80
CA LYS A 121 -1.62 -5.34 -16.70
C LYS A 121 -0.74 -4.18 -17.13
N ASP A 122 0.61 -4.36 -17.09
CA ASP A 122 1.52 -3.32 -17.55
C ASP A 122 1.13 -2.87 -18.94
N TYR A 123 1.04 -1.55 -19.14
CA TYR A 123 0.61 -0.92 -20.38
C TYR A 123 1.75 -0.12 -21.03
N ILE A 124 2.28 0.88 -20.33
CA ILE A 124 3.39 1.70 -20.83
C ILE A 124 4.25 2.17 -19.68
N ALA A 125 5.56 2.29 -19.91
CA ALA A 125 6.44 2.76 -18.85
C ALA A 125 7.54 3.61 -19.43
N LEU A 126 7.94 4.62 -18.71
CA LEU A 126 9.10 5.43 -19.07
C LEU A 126 10.33 4.59 -18.70
N ASN A 127 11.29 4.53 -19.62
CA ASN A 127 12.51 3.77 -19.39
C ASN A 127 13.40 4.49 -18.36
N GLU A 128 14.37 3.76 -17.79
CA GLU A 128 15.23 4.38 -16.77
C GLU A 128 16.01 5.61 -17.29
N ASP A 129 16.25 5.67 -18.63
CA ASP A 129 16.90 6.82 -19.21
C ASP A 129 16.05 8.10 -19.19
N LEU A 130 14.74 7.96 -18.83
CA LEU A 130 13.79 9.09 -18.78
C LEU A 130 13.65 9.78 -20.15
N SER A 131 13.89 9.04 -21.24
CA SER A 131 13.90 9.64 -22.57
C SER A 131 13.11 8.84 -23.57
N SER A 132 12.81 7.57 -23.25
CA SER A 132 12.15 6.63 -24.14
C SER A 132 11.11 5.81 -23.39
N TRP A 133 10.21 5.16 -24.14
CA TRP A 133 9.09 4.37 -23.60
C TRP A 133 9.15 2.89 -23.95
N THR A 134 8.56 2.03 -23.12
CA THR A 134 8.38 0.61 -23.37
C THR A 134 6.86 0.42 -23.36
N ALA A 135 6.30 0.10 -24.53
CA ALA A 135 4.84 -0.14 -24.72
C ALA A 135 4.62 -1.65 -24.74
N ALA A 136 3.66 -2.17 -23.94
CA ALA A 136 3.41 -3.61 -23.79
C ALA A 136 2.83 -4.28 -25.04
N ASP A 137 2.06 -3.52 -25.82
CA ASP A 137 1.32 -4.06 -26.99
C ASP A 137 1.01 -3.00 -28.02
N THR A 138 0.25 -3.41 -29.09
CA THR A 138 -0.09 -2.49 -30.16
C THR A 138 -1.04 -1.38 -29.73
N ALA A 139 -1.84 -1.58 -28.64
CA ALA A 139 -2.66 -0.48 -28.13
C ALA A 139 -1.75 0.59 -27.48
N ALA A 140 -0.83 0.14 -26.60
CA ALA A 140 0.08 1.06 -25.92
C ALA A 140 1.02 1.83 -26.89
N GLN A 141 1.25 1.26 -28.13
CA GLN A 141 2.02 1.95 -29.17
C GLN A 141 1.34 3.22 -29.64
N ILE A 142 -0.03 3.25 -29.60
CA ILE A 142 -0.75 4.46 -29.95
C ILE A 142 -0.44 5.53 -28.92
N THR A 143 -0.54 5.17 -27.60
CA THR A 143 -0.23 6.12 -26.55
C THR A 143 1.24 6.63 -26.69
N GLN A 144 2.14 5.71 -26.95
CA GLN A 144 3.58 6.01 -27.12
C GLN A 144 3.76 7.09 -28.21
N ARG A 145 3.09 6.94 -29.38
CA ARG A 145 3.20 7.95 -30.44
C ARG A 145 2.61 9.29 -30.05
N LYS A 146 1.47 9.32 -29.30
CA LYS A 146 0.91 10.58 -28.86
C LYS A 146 1.90 11.32 -27.93
N TRP A 147 2.47 10.56 -26.96
CA TRP A 147 3.38 11.08 -25.96
C TRP A 147 4.71 11.56 -26.57
N GLU A 148 5.12 10.94 -27.66
CA GLU A 148 6.30 11.41 -28.40
C GLU A 148 5.99 12.75 -29.13
N ALA A 149 4.80 12.86 -29.71
CA ALA A 149 4.36 14.08 -30.39
C ALA A 149 4.23 15.31 -29.48
N ALA A 150 3.82 15.11 -28.22
CA ALA A 150 3.64 16.19 -27.24
C ALA A 150 4.94 16.43 -26.46
N ARG A 151 5.98 15.62 -26.74
CA ARG A 151 7.30 15.65 -26.09
C ARG A 151 7.09 15.41 -24.57
N VAL A 152 6.26 14.39 -24.21
CA VAL A 152 5.97 14.10 -22.80
C VAL A 152 7.24 13.74 -22.04
N ALA A 153 8.02 12.77 -22.58
CA ALA A 153 9.25 12.29 -21.88
C ALA A 153 10.20 13.40 -21.46
N GLU A 154 10.36 14.42 -22.31
CA GLU A 154 11.23 15.58 -22.04
C GLU A 154 10.71 16.40 -20.83
N GLN A 155 9.36 16.59 -20.77
CA GLN A 155 8.74 17.31 -19.69
C GLN A 155 8.77 16.51 -18.40
N LEU A 156 8.55 15.20 -18.51
CA LEU A 156 8.56 14.29 -17.37
C LEU A 156 9.97 14.17 -16.79
N ARG A 157 11.01 14.08 -17.64
CA ARG A 157 12.39 14.05 -17.15
C ARG A 157 12.70 15.33 -16.37
N ALA A 158 12.32 16.53 -16.91
CA ALA A 158 12.61 17.78 -16.22
C ALA A 158 11.90 17.85 -14.85
N TYR A 159 10.68 17.30 -14.76
CA TYR A 159 9.95 17.26 -13.49
C TYR A 159 10.64 16.27 -12.52
N LEU A 160 10.97 15.06 -13.01
CA LEU A 160 11.55 14.03 -12.15
C LEU A 160 12.90 14.44 -11.58
N GLU A 161 13.72 15.11 -12.38
CA GLU A 161 15.04 15.53 -11.93
C GLU A 161 15.05 16.87 -11.20
N GLY A 162 13.98 17.63 -11.37
CA GLY A 162 13.82 18.96 -10.81
C GLY A 162 12.83 19.03 -9.67
N LEU A 163 11.60 19.48 -9.97
CA LEU A 163 10.51 19.67 -9.00
C LEU A 163 10.29 18.47 -8.06
N CYS A 164 10.33 17.26 -8.62
CA CYS A 164 10.07 16.06 -7.82
C CYS A 164 11.10 15.95 -6.69
N VAL A 165 12.38 16.06 -7.05
CA VAL A 165 13.46 15.95 -6.08
C VAL A 165 13.43 17.13 -5.09
N GLU A 166 13.22 18.33 -5.59
CA GLU A 166 13.20 19.52 -4.76
C GLU A 166 12.07 19.51 -3.73
N TRP A 167 10.86 19.10 -4.16
CA TRP A 167 9.73 18.99 -3.23
C TRP A 167 9.90 17.84 -2.26
N LEU A 168 10.46 16.69 -2.72
CA LEU A 168 10.73 15.59 -1.80
C LEU A 168 11.69 16.06 -0.70
N ARG A 169 12.76 16.75 -1.07
CA ARG A 169 13.72 17.22 -0.05
C ARG A 169 13.06 18.19 0.94
N ARG A 170 12.14 19.06 0.46
CA ARG A 170 11.41 19.98 1.31
C ARG A 170 10.54 19.20 2.29
N TYR A 171 9.78 18.20 1.77
CA TYR A 171 8.93 17.40 2.66
C TYR A 171 9.76 16.67 3.70
N LEU A 172 10.93 16.09 3.29
CA LEU A 172 11.78 15.35 4.24
C LEU A 172 12.28 16.27 5.38
N GLU A 173 12.52 17.55 5.07
CA GLU A 173 12.96 18.50 6.10
C GLU A 173 11.77 18.89 6.99
N ASN A 174 10.64 19.24 6.39
CA ASN A 174 9.45 19.64 7.15
C ASN A 174 8.91 18.53 8.03
N GLY A 175 9.00 17.31 7.52
CA GLY A 175 8.57 16.15 8.25
C GLY A 175 9.67 15.34 8.89
N LYS A 176 10.88 15.92 9.09
CA LYS A 176 12.05 15.16 9.57
C LYS A 176 11.82 14.37 10.84
N GLU A 177 11.01 14.91 11.77
CA GLU A 177 10.79 14.20 13.04
C GLU A 177 10.11 12.85 12.92
N THR A 178 9.37 12.63 11.81
CA THR A 178 8.72 11.35 11.57
C THR A 178 9.32 10.66 10.33
N LEU A 179 9.42 11.39 9.22
CA LEU A 179 9.91 10.77 7.95
C LEU A 179 11.34 10.31 8.04
N GLN A 180 12.16 11.01 8.86
CA GLN A 180 13.57 10.63 9.00
C GLN A 180 13.84 9.98 10.37
N ARG A 181 12.79 9.40 10.98
CA ARG A 181 12.95 8.69 12.24
C ARG A 181 12.56 7.24 11.99
N ALA A 182 13.53 6.34 12.15
CA ALA A 182 13.26 4.93 12.01
C ALA A 182 12.91 4.33 13.39
N ASP A 183 11.72 3.78 13.54
CA ASP A 183 11.26 3.19 14.79
C ASP A 183 11.52 1.69 14.76
N PRO A 184 12.35 1.18 15.68
CA PRO A 184 12.67 -0.26 15.65
C PRO A 184 11.50 -1.15 16.03
N PRO A 185 11.52 -2.42 15.57
CA PRO A 185 10.48 -3.35 16.00
C PRO A 185 10.64 -3.73 17.49
N LYS A 186 9.52 -3.93 18.13
CA LYS A 186 9.39 -4.54 19.46
C LYS A 186 9.19 -6.01 19.12
N THR A 187 10.05 -6.88 19.67
CA THR A 187 10.06 -8.28 19.28
C THR A 187 9.85 -9.27 20.41
N HIS A 188 9.32 -10.45 20.05
CA HIS A 188 9.09 -11.55 20.98
C HIS A 188 8.82 -12.86 20.22
N VAL A 189 9.07 -14.00 20.87
CA VAL A 189 8.86 -15.33 20.31
C VAL A 189 7.82 -16.05 21.15
N THR A 190 6.75 -16.51 20.50
CA THR A 190 5.68 -17.27 21.14
C THR A 190 5.80 -18.74 20.75
N HIS A 191 5.20 -19.64 21.55
CA HIS A 191 5.24 -21.07 21.37
C HIS A 191 3.82 -21.60 21.51
N HIS A 192 3.38 -22.36 20.51
CA HIS A 192 2.03 -22.90 20.50
C HIS A 192 2.07 -24.41 20.13
N PRO A 193 1.82 -25.36 21.06
CA PRO A 193 1.82 -26.78 20.64
C PRO A 193 0.77 -27.07 19.56
N VAL A 194 1.13 -27.88 18.58
CA VAL A 194 0.27 -28.25 17.45
C VAL A 194 -0.25 -29.67 17.66
N SER A 195 0.53 -30.46 18.41
CA SER A 195 0.27 -31.87 18.71
C SER A 195 1.24 -32.28 19.82
N ASP A 196 1.21 -33.55 20.22
CA ASP A 196 2.12 -33.97 21.28
C ASP A 196 3.59 -33.87 20.86
N HIS A 197 3.88 -33.88 19.55
CA HIS A 197 5.27 -33.92 19.13
C HIS A 197 5.73 -32.77 18.22
N GLU A 198 4.87 -31.77 17.98
CA GLU A 198 5.29 -30.58 17.23
C GLU A 198 4.70 -29.33 17.84
N ALA A 199 5.37 -28.19 17.62
CA ALA A 199 4.87 -26.93 18.12
C ALA A 199 5.24 -25.84 17.14
N THR A 200 4.47 -24.76 17.15
CA THR A 200 4.76 -23.59 16.31
C THR A 200 5.54 -22.58 17.11
N LEU A 201 6.68 -22.12 16.53
CA LEU A 201 7.45 -21.02 17.07
C LEU A 201 7.11 -19.81 16.16
N ARG A 202 6.60 -18.72 16.76
CA ARG A 202 6.25 -17.51 15.99
C ARG A 202 7.05 -16.32 16.46
N CYS A 203 7.76 -15.71 15.51
CA CYS A 203 8.58 -14.55 15.80
C CYS A 203 7.83 -13.29 15.36
N TRP A 204 7.57 -12.38 16.29
CA TRP A 204 6.83 -11.15 16.10
C TRP A 204 7.69 -9.91 16.01
N ALA A 205 7.26 -8.95 15.17
CA ALA A 205 7.87 -7.65 15.05
C ALA A 205 6.72 -6.65 15.03
N LEU A 206 6.69 -5.75 15.99
CA LEU A 206 5.57 -4.80 16.11
C LEU A 206 6.09 -3.39 16.26
N GLY A 207 5.32 -2.42 15.80
CA GLY A 207 5.62 -1.01 16.03
C GLY A 207 6.78 -0.39 15.28
N PHE A 208 7.16 -0.98 14.13
CA PHE A 208 8.29 -0.48 13.39
C PHE A 208 7.93 0.45 12.23
N TYR A 209 8.87 1.32 11.85
CA TYR A 209 8.72 2.22 10.71
C TYR A 209 10.14 2.51 10.20
N PRO A 210 10.41 2.46 8.89
CA PRO A 210 9.48 2.14 7.80
C PRO A 210 9.09 0.64 7.73
N ALA A 211 8.28 0.32 6.71
CA ALA A 211 7.78 -1.05 6.60
C ALA A 211 8.84 -2.11 6.29
N GLU A 212 9.92 -1.71 5.60
CA GLU A 212 10.98 -2.64 5.24
C GLU A 212 11.57 -3.32 6.47
N ILE A 213 11.58 -4.66 6.47
CA ILE A 213 12.10 -5.48 7.56
C ILE A 213 12.50 -6.85 7.00
N THR A 214 13.40 -7.54 7.68
CA THR A 214 13.79 -8.91 7.34
C THR A 214 13.56 -9.73 8.60
N LEU A 215 12.71 -10.74 8.51
CA LEU A 215 12.40 -11.65 9.62
C LEU A 215 12.61 -13.05 9.08
N THR A 216 13.55 -13.80 9.65
CA THR A 216 13.81 -15.15 9.17
C THR A 216 14.00 -16.11 10.34
N TRP A 217 13.81 -17.40 10.07
CA TRP A 217 14.09 -18.43 11.06
C TRP A 217 15.25 -19.26 10.55
N GLN A 218 16.14 -19.63 11.47
CA GLN A 218 17.27 -20.51 11.17
C GLN A 218 17.18 -21.72 12.08
N ARG A 219 17.65 -22.86 11.60
CA ARG A 219 17.74 -24.13 12.33
C ARG A 219 19.21 -24.51 12.23
N ASP A 220 19.91 -24.53 13.39
CA ASP A 220 21.37 -24.81 13.49
C ASP A 220 22.20 -23.84 12.61
N GLY A 221 21.73 -22.59 12.50
CA GLY A 221 22.40 -21.57 11.70
C GLY A 221 22.11 -21.57 10.20
N GLU A 222 21.16 -22.41 9.73
CA GLU A 222 20.81 -22.43 8.31
C GLU A 222 19.37 -21.97 8.08
N ASP A 223 19.19 -21.06 7.10
CA ASP A 223 17.89 -20.47 6.78
C ASP A 223 16.82 -21.53 6.45
N GLN A 224 15.61 -21.32 6.99
CA GLN A 224 14.46 -22.21 6.84
C GLN A 224 13.39 -21.61 5.91
N THR A 225 13.83 -21.10 4.74
CA THR A 225 12.98 -20.42 3.75
C THR A 225 11.71 -21.20 3.37
N GLN A 226 11.83 -22.47 2.95
CA GLN A 226 10.69 -23.29 2.53
C GLN A 226 9.73 -23.65 3.66
N ASP A 227 10.23 -23.74 4.92
CA ASP A 227 9.41 -24.17 6.04
C ASP A 227 8.87 -23.02 6.90
N THR A 228 9.25 -21.77 6.56
CA THR A 228 8.77 -20.59 7.28
C THR A 228 7.49 -20.04 6.66
N GLU A 229 6.47 -19.82 7.50
CA GLU A 229 5.20 -19.18 7.11
C GLU A 229 5.43 -17.69 7.45
N LEU A 230 5.41 -16.83 6.43
CA LEU A 230 5.75 -15.42 6.57
C LEU A 230 4.59 -14.53 6.11
N VAL A 231 3.85 -13.94 7.07
CA VAL A 231 2.70 -13.07 6.86
C VAL A 231 3.11 -11.71 6.17
N GLU A 232 2.25 -11.14 5.30
CA GLU A 232 2.56 -9.86 4.68
C GLU A 232 2.67 -8.80 5.78
N THR A 233 3.62 -7.87 5.62
CA THR A 233 3.74 -6.74 6.52
C THR A 233 2.42 -5.95 6.47
N ARG A 234 1.90 -5.61 7.65
CA ARG A 234 0.59 -4.99 7.78
C ARG A 234 0.61 -3.71 8.56
N PRO A 235 -0.22 -2.72 8.23
CA PRO A 235 -0.18 -1.46 8.95
C PRO A 235 -0.94 -1.53 10.28
N ALA A 236 -0.37 -0.94 11.33
CA ALA A 236 -1.08 -0.91 12.62
C ALA A 236 -2.11 0.23 12.71
N GLY A 237 -1.98 1.25 11.86
CA GLY A 237 -2.89 2.39 11.83
C GLY A 237 -2.38 3.65 12.50
N ASP A 238 -1.23 3.57 13.20
CA ASP A 238 -0.58 4.66 13.94
C ASP A 238 0.74 5.04 13.24
N ARG A 239 0.86 4.67 11.94
CA ARG A 239 2.04 4.87 11.07
C ARG A 239 2.94 3.65 11.07
N THR A 240 2.90 2.84 12.13
CA THR A 240 3.82 1.70 12.25
C THR A 240 3.29 0.47 11.57
N PHE A 241 4.14 -0.56 11.47
CA PHE A 241 3.84 -1.81 10.82
C PHE A 241 4.10 -2.99 11.74
N GLN A 242 3.57 -4.12 11.34
CA GLN A 242 3.65 -5.39 12.05
C GLN A 242 3.97 -6.51 11.09
N LYS A 243 4.61 -7.56 11.60
CA LYS A 243 4.94 -8.74 10.83
C LYS A 243 5.27 -9.91 11.75
N TRP A 244 5.02 -11.12 11.29
CA TRP A 244 5.46 -12.33 12.00
C TRP A 244 5.92 -13.41 11.04
N ALA A 245 6.78 -14.31 11.53
CA ALA A 245 7.29 -15.47 10.79
C ALA A 245 7.14 -16.67 11.71
N ALA A 246 6.68 -17.79 11.18
CA ALA A 246 6.48 -19.00 12.01
C ALA A 246 7.06 -20.26 11.40
N VAL A 247 7.53 -21.17 12.29
CA VAL A 247 8.07 -22.47 11.90
C VAL A 247 7.46 -23.50 12.82
N VAL A 248 7.20 -24.69 12.27
CA VAL A 248 6.69 -25.83 13.05
C VAL A 248 7.90 -26.70 13.35
N VAL A 249 8.14 -26.88 14.66
CA VAL A 249 9.35 -27.56 15.12
C VAL A 249 9.02 -28.85 15.90
N PRO A 250 9.93 -29.86 15.87
CA PRO A 250 9.69 -31.06 16.70
C PRO A 250 9.87 -30.72 18.17
N SER A 251 8.98 -31.23 19.05
CA SER A 251 9.07 -30.96 20.49
C SER A 251 10.43 -31.40 21.04
N GLY A 252 11.02 -30.53 21.86
CA GLY A 252 12.36 -30.73 22.43
C GLY A 252 13.50 -30.17 21.61
N GLU A 253 13.23 -29.75 20.35
CA GLU A 253 14.25 -29.22 19.43
C GLU A 253 14.22 -27.69 19.28
N GLU A 254 13.42 -26.99 20.12
CA GLU A 254 13.21 -25.53 20.04
C GLU A 254 14.48 -24.68 20.09
N GLN A 255 15.50 -25.11 20.87
CA GLN A 255 16.72 -24.30 21.00
C GLN A 255 17.62 -24.37 19.77
N ARG A 256 17.32 -25.26 18.82
CA ARG A 256 18.08 -25.34 17.59
C ARG A 256 17.64 -24.18 16.66
N TYR A 257 16.53 -23.50 16.99
CA TYR A 257 15.92 -22.43 16.17
C TYR A 257 16.17 -21.02 16.64
N THR A 258 16.54 -20.15 15.70
CA THR A 258 16.77 -18.75 16.01
C THR A 258 16.02 -17.87 15.02
N CYS A 259 15.45 -16.78 15.53
CA CYS A 259 14.78 -15.82 14.70
C CYS A 259 15.69 -14.62 14.57
N HIS A 260 15.91 -14.18 13.32
CA HIS A 260 16.80 -13.06 13.02
C HIS A 260 15.99 -11.88 12.50
N VAL A 261 16.23 -10.72 13.11
CA VAL A 261 15.48 -9.49 12.79
C VAL A 261 16.43 -8.37 12.33
N GLN A 262 16.22 -7.87 11.12
CA GLN A 262 16.97 -6.73 10.56
C GLN A 262 15.99 -5.59 10.28
N HIS A 263 16.30 -4.39 10.83
CA HIS A 263 15.50 -3.17 10.64
C HIS A 263 16.35 -1.94 10.93
N GLU A 264 16.09 -0.86 10.18
CA GLU A 264 16.80 0.41 10.28
C GLU A 264 16.80 1.06 11.69
N GLY A 265 15.73 0.91 12.46
CA GLY A 265 15.66 1.51 13.79
C GLY A 265 16.44 0.79 14.89
N LEU A 266 16.93 -0.43 14.59
CA LEU A 266 17.63 -1.25 15.58
C LEU A 266 19.08 -0.80 15.71
N PRO A 267 19.61 -0.60 16.94
CA PRO A 267 21.06 -0.29 17.07
C PRO A 267 21.91 -1.45 16.54
N LYS A 268 21.40 -2.71 16.65
CA LYS A 268 22.04 -3.93 16.18
C LYS A 268 20.99 -4.97 15.73
N PRO A 269 21.27 -5.84 14.72
CA PRO A 269 20.31 -6.89 14.36
C PRO A 269 20.08 -7.82 15.55
N LEU A 270 18.86 -8.36 15.65
CA LEU A 270 18.51 -9.21 16.78
C LEU A 270 18.59 -10.70 16.44
N THR A 271 18.93 -11.49 17.47
CA THR A 271 18.94 -12.95 17.43
C THR A 271 18.05 -13.34 18.61
N LEU A 272 16.88 -13.87 18.28
CA LEU A 272 15.92 -14.24 19.31
C LEU A 272 15.69 -15.75 19.29
N ARG A 273 15.37 -16.27 20.46
CA ARG A 273 15.00 -17.68 20.62
C ARG A 273 13.77 -17.74 21.50
N TRP A 274 13.09 -18.90 21.53
CA TRP A 274 11.99 -19.07 22.45
C TRP A 274 12.59 -19.09 23.86
N GLU A 275 12.03 -18.29 24.77
CA GLU A 275 12.47 -18.19 26.16
C GLU A 275 11.35 -18.72 27.06
N PRO A 276 11.39 -20.02 27.42
CA PRO A 276 10.33 -20.57 28.28
C PRO A 276 10.40 -19.97 29.70
N ILE B 2 -6.88 -12.04 -15.02
CA ILE B 2 -7.24 -10.61 -14.99
C ILE B 2 -7.69 -10.14 -13.58
N GLN B 3 -8.29 -11.04 -12.76
CA GLN B 3 -8.78 -10.71 -11.42
C GLN B 3 -7.98 -11.39 -10.32
N ARG B 4 -7.81 -10.71 -9.18
CA ARG B 4 -7.02 -11.19 -8.04
C ARG B 4 -7.84 -11.09 -6.78
N THR B 5 -7.90 -12.19 -6.02
CA THR B 5 -8.71 -12.25 -4.83
C THR B 5 -8.01 -11.61 -3.63
N PRO B 6 -8.74 -10.97 -2.70
CA PRO B 6 -8.04 -10.34 -1.57
C PRO B 6 -7.46 -11.31 -0.58
N LYS B 7 -6.28 -10.92 -0.07
CA LYS B 7 -5.65 -11.46 1.12
C LYS B 7 -6.31 -10.67 2.25
N ILE B 8 -6.54 -11.31 3.42
CA ILE B 8 -7.25 -10.68 4.53
C ILE B 8 -6.51 -10.99 5.83
N GLN B 9 -6.25 -9.95 6.63
CA GLN B 9 -5.68 -10.12 7.98
C GLN B 9 -6.50 -9.29 8.94
N VAL B 10 -6.84 -9.88 10.11
CA VAL B 10 -7.59 -9.20 11.16
CA VAL B 10 -7.63 -9.29 11.17
C VAL B 10 -6.76 -9.28 12.43
N TYR B 11 -6.56 -8.12 13.01
CA TYR B 11 -5.63 -8.00 14.14
C TYR B 11 -5.86 -6.71 14.86
N SER B 12 -5.18 -6.51 16.02
CA SER B 12 -5.30 -5.28 16.77
C SER B 12 -4.07 -4.39 16.59
N ARG B 13 -4.26 -3.09 16.80
CA ARG B 13 -3.20 -2.10 16.69
C ARG B 13 -2.13 -2.36 17.76
N HIS B 14 -2.61 -2.56 18.99
CA HIS B 14 -1.80 -2.78 20.18
C HIS B 14 -2.02 -4.21 20.68
N PRO B 15 -1.06 -4.78 21.44
CA PRO B 15 -1.26 -6.13 22.00
C PRO B 15 -2.59 -6.15 22.77
N ALA B 16 -3.41 -7.16 22.54
CA ALA B 16 -4.73 -7.25 23.16
C ALA B 16 -4.65 -7.44 24.68
N GLU B 17 -5.41 -6.60 25.41
CA GLU B 17 -5.54 -6.60 26.87
C GLU B 17 -7.03 -6.47 27.17
N ASN B 18 -7.67 -7.54 27.72
CA ASN B 18 -9.11 -7.53 28.06
C ASN B 18 -9.48 -6.35 28.93
N GLY B 19 -10.47 -5.58 28.50
CA GLY B 19 -10.92 -4.37 29.19
C GLY B 19 -10.19 -3.10 28.80
N LYS B 20 -9.18 -3.20 27.91
CA LYS B 20 -8.42 -2.03 27.50
C LYS B 20 -8.75 -1.65 26.05
N SER B 21 -9.17 -0.39 25.85
CA SER B 21 -9.50 0.16 24.54
C SER B 21 -8.30 0.00 23.60
N ASN B 22 -8.59 -0.34 22.35
CA ASN B 22 -7.57 -0.62 21.34
C ASN B 22 -8.23 -0.29 19.96
N PHE B 23 -7.62 -0.76 18.86
CA PHE B 23 -8.17 -0.62 17.51
C PHE B 23 -8.18 -1.96 16.86
N LEU B 24 -9.32 -2.31 16.24
CA LEU B 24 -9.48 -3.56 15.51
C LEU B 24 -9.25 -3.20 14.05
N ASN B 25 -8.37 -3.95 13.39
CA ASN B 25 -7.97 -3.72 12.00
C ASN B 25 -8.33 -4.87 11.11
N CYS B 26 -8.77 -4.54 9.89
CA CYS B 26 -8.94 -5.55 8.88
C CYS B 26 -8.23 -5.04 7.65
N TYR B 27 -7.12 -5.69 7.31
CA TYR B 27 -6.29 -5.29 6.18
C TYR B 27 -6.57 -6.18 5.01
N VAL B 28 -7.07 -5.56 3.90
CA VAL B 28 -7.34 -6.31 2.69
C VAL B 28 -6.31 -5.88 1.65
N SER B 29 -5.68 -6.84 0.96
CA SER B 29 -4.61 -6.51 0.03
C SER B 29 -4.52 -7.50 -1.11
N GLY B 30 -3.71 -7.17 -2.11
CA GLY B 30 -3.47 -8.06 -3.24
C GLY B 30 -4.63 -8.32 -4.16
N PHE B 31 -5.67 -7.42 -4.14
CA PHE B 31 -6.86 -7.65 -4.93
C PHE B 31 -6.96 -6.77 -6.16
N HIS B 32 -7.70 -7.23 -7.17
CA HIS B 32 -7.92 -6.47 -8.39
C HIS B 32 -9.18 -7.06 -9.05
N PRO B 33 -10.21 -6.27 -9.40
CA PRO B 33 -10.29 -4.80 -9.40
C PRO B 33 -10.51 -4.21 -8.01
N SER B 34 -10.63 -2.89 -7.93
CA SER B 34 -10.63 -2.18 -6.66
C SER B 34 -11.88 -2.26 -5.82
N ASP B 35 -13.04 -2.46 -6.44
CA ASP B 35 -14.28 -2.49 -5.66
C ASP B 35 -14.22 -3.62 -4.67
N ILE B 36 -14.55 -3.33 -3.42
CA ILE B 36 -14.52 -4.33 -2.33
C ILE B 36 -15.43 -3.83 -1.20
N GLU B 37 -16.07 -4.76 -0.47
CA GLU B 37 -16.93 -4.41 0.65
C GLU B 37 -16.32 -5.06 1.89
N VAL B 38 -16.07 -4.26 2.90
CA VAL B 38 -15.43 -4.69 4.13
C VAL B 38 -16.23 -4.17 5.31
N ASP B 39 -16.62 -5.11 6.18
CA ASP B 39 -17.28 -4.78 7.43
C ASP B 39 -16.56 -5.46 8.60
N LEU B 40 -16.52 -4.76 9.74
CA LEU B 40 -15.99 -5.28 11.01
C LEU B 40 -17.21 -5.72 11.79
N LEU B 41 -17.16 -6.91 12.35
CA LEU B 41 -18.28 -7.47 13.11
C LEU B 41 -17.94 -7.64 14.58
N LYS B 42 -18.97 -7.43 15.44
CA LYS B 42 -18.91 -7.68 16.89
C LYS B 42 -20.04 -8.66 17.14
N ASN B 43 -19.68 -9.92 17.46
CA ASN B 43 -20.61 -11.05 17.68
C ASN B 43 -21.60 -11.23 16.50
N GLY B 44 -21.07 -11.22 15.29
CA GLY B 44 -21.81 -11.38 14.05
C GLY B 44 -22.51 -10.14 13.51
N GLU B 45 -22.54 -9.04 14.29
CA GLU B 45 -23.21 -7.77 13.89
C GLU B 45 -22.24 -6.73 13.35
N ARG B 46 -22.63 -6.03 12.26
CA ARG B 46 -21.84 -4.97 11.64
C ARG B 46 -21.67 -3.78 12.56
N ILE B 47 -20.39 -3.40 12.83
CA ILE B 47 -20.05 -2.21 13.61
C ILE B 47 -20.29 -1.08 12.65
N GLU B 48 -21.06 -0.07 13.06
CA GLU B 48 -21.40 0.97 12.10
C GLU B 48 -20.38 2.10 12.03
N LYS B 49 -19.59 2.32 13.09
CA LYS B 49 -18.59 3.38 12.99
C LYS B 49 -17.25 2.76 12.59
N VAL B 50 -16.95 2.70 11.28
CA VAL B 50 -15.70 2.08 10.77
C VAL B 50 -15.08 3.06 9.76
N GLU B 51 -13.77 3.30 9.90
CA GLU B 51 -13.03 4.23 9.03
C GLU B 51 -12.19 3.40 8.09
N HIS B 52 -11.70 4.02 7.01
CA HIS B 52 -10.83 3.28 6.10
C HIS B 52 -9.84 4.19 5.43
N SER B 53 -8.74 3.60 4.96
CA SER B 53 -7.68 4.35 4.28
C SER B 53 -8.07 4.71 2.83
N ASP B 54 -7.36 5.66 2.23
CA ASP B 54 -7.55 6.05 0.83
C ASP B 54 -7.03 4.97 -0.10
N LEU B 55 -7.72 4.75 -1.22
CA LEU B 55 -7.33 3.71 -2.15
C LEU B 55 -5.91 3.91 -2.69
N SER B 56 -5.04 2.88 -2.52
CA SER B 56 -3.70 2.88 -3.10
C SER B 56 -3.39 1.47 -3.53
N PHE B 57 -2.24 1.30 -4.15
CA PHE B 57 -1.85 0.01 -4.68
C PHE B 57 -0.36 -0.21 -4.57
N SER B 58 0.00 -1.50 -4.65
CA SER B 58 1.36 -2.01 -4.53
C SER B 58 2.06 -2.00 -5.88
N LYS B 59 3.37 -2.31 -5.87
CA LYS B 59 4.18 -2.30 -7.10
C LYS B 59 3.66 -3.24 -8.17
N ASP B 60 2.94 -4.32 -7.77
CA ASP B 60 2.35 -5.27 -8.68
C ASP B 60 0.94 -4.87 -9.15
N TRP B 61 0.55 -3.59 -8.86
CA TRP B 61 -0.76 -2.99 -9.23
C TRP B 61 -1.94 -3.45 -8.37
N SER B 62 -1.73 -4.42 -7.45
CA SER B 62 -2.84 -4.87 -6.63
C SER B 62 -3.20 -3.81 -5.56
N PHE B 63 -4.49 -3.69 -5.26
CA PHE B 63 -4.98 -2.68 -4.32
C PHE B 63 -4.89 -3.13 -2.87
N TYR B 64 -4.84 -2.18 -1.94
CA TYR B 64 -4.91 -2.50 -0.50
C TYR B 64 -5.66 -1.41 0.23
N LEU B 65 -6.33 -1.80 1.31
CA LEU B 65 -7.08 -0.90 2.16
C LEU B 65 -7.03 -1.40 3.59
N LEU B 66 -7.01 -0.47 4.53
CA LEU B 66 -7.10 -0.76 5.95
C LEU B 66 -8.45 -0.23 6.44
N TYR B 67 -9.24 -1.09 7.06
CA TYR B 67 -10.53 -0.76 7.73
C TYR B 67 -10.25 -0.88 9.22
N TYR B 68 -10.70 0.12 9.98
CA TYR B 68 -10.39 0.13 11.41
C TYR B 68 -11.47 0.80 12.24
N THR B 69 -11.58 0.35 13.49
CA THR B 69 -12.47 0.92 14.49
C THR B 69 -11.90 0.73 15.86
N GLU B 70 -12.24 1.64 16.77
CA GLU B 70 -11.90 1.52 18.18
C GLU B 70 -12.77 0.36 18.76
N PHE B 71 -12.20 -0.46 19.65
CA PHE B 71 -12.89 -1.57 20.32
C PHE B 71 -12.22 -1.89 21.65
N THR B 72 -12.96 -2.56 22.55
CA THR B 72 -12.46 -3.02 23.83
C THR B 72 -12.60 -4.53 23.86
N PRO B 73 -11.48 -5.27 23.64
CA PRO B 73 -11.57 -6.73 23.66
C PRO B 73 -11.93 -7.25 25.06
N THR B 74 -12.70 -8.33 25.10
CA THR B 74 -13.12 -9.00 26.34
C THR B 74 -12.83 -10.47 26.13
N GLU B 75 -13.07 -11.29 27.16
CA GLU B 75 -12.84 -12.72 27.06
C GLU B 75 -13.91 -13.35 26.16
N LYS B 76 -15.16 -12.83 26.25
CA LYS B 76 -16.36 -13.35 25.60
C LYS B 76 -16.61 -12.90 24.15
N ASP B 77 -16.52 -11.58 23.89
CA ASP B 77 -16.78 -10.97 22.58
C ASP B 77 -15.91 -11.51 21.45
N GLU B 78 -16.54 -11.88 20.35
CA GLU B 78 -15.87 -12.41 19.17
C GLU B 78 -15.90 -11.35 18.09
N TYR B 79 -14.74 -11.08 17.51
CA TYR B 79 -14.61 -10.07 16.45
C TYR B 79 -14.26 -10.73 15.14
N ALA B 80 -14.63 -10.09 14.03
CA ALA B 80 -14.33 -10.66 12.72
C ALA B 80 -14.37 -9.61 11.64
N CYS B 81 -13.91 -9.99 10.47
CA CYS B 81 -13.97 -9.13 9.30
C CYS B 81 -14.70 -9.88 8.20
N ARG B 82 -15.71 -9.21 7.56
CA ARG B 82 -16.47 -9.84 6.47
C ARG B 82 -16.10 -9.10 5.19
N VAL B 83 -15.61 -9.86 4.20
CA VAL B 83 -15.15 -9.30 2.91
C VAL B 83 -15.90 -9.89 1.73
N ASN B 84 -16.37 -8.99 0.86
CA ASN B 84 -16.95 -9.39 -0.41
C ASN B 84 -16.17 -8.70 -1.55
N HIS B 85 -15.92 -9.44 -2.62
CA HIS B 85 -15.20 -8.98 -3.82
C HIS B 85 -15.74 -9.78 -5.04
N VAL B 86 -15.54 -9.29 -6.29
CA VAL B 86 -16.01 -10.01 -7.50
C VAL B 86 -15.50 -11.48 -7.58
N THR B 87 -14.29 -11.73 -7.08
CA THR B 87 -13.66 -13.06 -7.09
C THR B 87 -14.27 -14.03 -6.08
N LEU B 88 -15.08 -13.54 -5.14
CA LEU B 88 -15.70 -14.36 -4.08
C LEU B 88 -17.16 -14.73 -4.40
N SER B 89 -17.52 -16.02 -4.35
CA SER B 89 -18.90 -16.49 -4.59
C SER B 89 -19.83 -16.01 -3.47
N GLN B 90 -19.31 -16.00 -2.24
CA GLN B 90 -20.01 -15.60 -1.02
C GLN B 90 -19.07 -14.77 -0.15
N PRO B 91 -19.58 -13.91 0.77
CA PRO B 91 -18.65 -13.11 1.60
C PRO B 91 -17.78 -13.99 2.48
N LYS B 92 -16.47 -13.67 2.54
CA LYS B 92 -15.47 -14.39 3.32
C LYS B 92 -15.36 -13.75 4.69
N ILE B 93 -15.57 -14.54 5.75
CA ILE B 93 -15.48 -14.07 7.13
C ILE B 93 -14.16 -14.55 7.75
N VAL B 94 -13.38 -13.62 8.31
CA VAL B 94 -12.10 -13.97 8.96
C VAL B 94 -12.21 -13.54 10.40
N LYS B 95 -12.06 -14.52 11.32
CA LYS B 95 -12.18 -14.27 12.75
C LYS B 95 -10.91 -13.70 13.32
N TRP B 96 -11.06 -12.78 14.27
CA TRP B 96 -9.95 -12.18 15.00
C TRP B 96 -9.38 -13.20 15.97
N ASP B 97 -8.10 -13.50 15.83
CA ASP B 97 -7.36 -14.41 16.70
C ASP B 97 -6.20 -13.56 17.26
N ARG B 98 -6.22 -13.32 18.58
CA ARG B 98 -5.23 -12.49 19.29
C ARG B 98 -3.77 -12.96 19.12
N ASP B 99 -3.55 -14.21 18.67
CA ASP B 99 -2.22 -14.80 18.42
C ASP B 99 -1.79 -14.74 16.94
N MET B 100 -2.57 -14.03 16.08
CA MET B 100 -2.30 -13.96 14.63
C MET B 100 -2.17 -12.55 14.04
N ILE C 1 4.96 17.54 -4.80
CA ILE C 1 4.07 18.23 -5.77
C ILE C 1 3.82 17.37 -7.04
N PRO C 2 2.59 17.26 -7.62
CA PRO C 2 2.42 16.38 -8.80
C PRO C 2 2.91 17.00 -10.10
N PHE C 3 3.05 16.17 -11.13
CA PHE C 3 3.42 16.53 -12.49
C PHE C 3 2.25 17.27 -13.15
N ALA C 4 2.52 18.46 -13.67
CA ALA C 4 1.48 19.34 -14.18
C ALA C 4 1.09 19.18 -15.63
N MET C 5 1.85 18.45 -16.43
CA MET C 5 1.52 18.31 -17.85
C MET C 5 0.42 17.28 -18.03
N GLN C 6 -0.66 17.67 -18.75
CA GLN C 6 -1.78 16.81 -19.08
C GLN C 6 -1.55 16.12 -20.39
N MET C 7 -1.69 14.81 -20.40
CA MET C 7 -1.64 14.06 -21.65
C MET C 7 -2.48 12.83 -21.57
N ALA C 8 -3.50 12.81 -22.40
CA ALA C 8 -4.36 11.68 -22.50
C ALA C 8 -3.59 10.50 -23.09
N TYR C 9 -4.02 9.31 -22.75
CA TYR C 9 -3.51 8.08 -23.30
C TYR C 9 -4.06 7.92 -24.75
#